data_3NER
#
_entry.id   3NER
#
_cell.length_a   37.316
_cell.length_b   40.034
_cell.length_c   58.744
_cell.angle_alpha   90.00
_cell.angle_beta   98.61
_cell.angle_gamma   90.00
#
_symmetry.space_group_name_H-M   'P 1 21 1'
#
loop_
_entity.id
_entity.type
_entity.pdbx_description
1 polymer 'Cytochrome b5 type B'
2 non-polymer 'PROTOPORPHYRIN IX CONTAINING FE'
3 non-polymer 'MAGNESIUM ION'
4 non-polymer 'SULFATE ION'
5 water water
#
_entity_poly.entity_id   1
_entity_poly.type   'polypeptide(L)'
_entity_poly.pdbx_seq_one_letter_code
;KGQEVETSVTYYRLEEVAKRNSLKELWLVIHGRVYDVTRFLNEHPGGEEVLLEQAGVDASESFEDVGHSSDAREMLKQYY
IGDIHPSDLKPE
;
_entity_poly.pdbx_strand_id   A,B
#
loop_
_chem_comp.id
_chem_comp.type
_chem_comp.name
_chem_comp.formula
HEM non-polymer 'PROTOPORPHYRIN IX CONTAINING FE' 'C34 H32 Fe N4 O4'
MG non-polymer 'MAGNESIUM ION' 'Mg 2'
SO4 non-polymer 'SULFATE ION' 'O4 S -2'
#
# COMPACT_ATOMS: atom_id res chain seq x y z
N GLY A 2 -10.91 43.53 -18.32
CA GLY A 2 -9.84 42.73 -18.93
C GLY A 2 -8.76 42.38 -17.91
N GLN A 3 -9.03 42.53 -16.62
CA GLN A 3 -8.04 42.14 -15.58
C GLN A 3 -7.84 40.63 -15.70
N GLU A 4 -6.67 40.17 -15.33
CA GLU A 4 -6.34 38.76 -15.48
C GLU A 4 -5.95 38.09 -14.20
N VAL A 5 -6.44 36.87 -13.99
CA VAL A 5 -6.07 36.16 -12.79
C VAL A 5 -4.67 35.73 -12.97
N GLU A 6 -3.89 35.88 -11.90
CA GLU A 6 -2.51 35.48 -11.96
C GLU A 6 -2.47 33.95 -11.80
N THR A 7 -1.60 33.35 -12.58
CA THR A 7 -1.40 31.92 -12.49
C THR A 7 -0.31 31.64 -11.44
N SER A 8 -0.33 30.45 -10.86
CA SER A 8 0.68 30.06 -9.89
C SER A 8 1.07 28.61 -10.18
N VAL A 9 0.38 27.64 -9.57
CA VAL A 9 0.68 26.25 -9.86
C VAL A 9 0.23 25.84 -11.25
N THR A 10 0.89 24.79 -11.75
CA THR A 10 0.50 24.19 -12.98
C THR A 10 -0.53 23.13 -12.69
N TYR A 11 -1.64 23.18 -13.41
CA TYR A 11 -2.71 22.20 -13.24
C TYR A 11 -2.66 21.20 -14.35
N TYR A 12 -3.01 19.97 -13.97
CA TYR A 12 -3.22 18.90 -14.91
C TYR A 12 -4.59 18.35 -14.71
N ARG A 13 -5.34 18.19 -15.82
CA ARG A 13 -6.57 17.45 -15.79
C ARG A 13 -6.34 15.97 -15.61
N LEU A 14 -7.26 15.29 -14.98
CA LEU A 14 -7.09 13.86 -14.74
C LEU A 14 -6.94 13.08 -16.06
N GLU A 15 -7.62 13.49 -17.11
CA GLU A 15 -7.50 12.79 -18.37
C GLU A 15 -6.09 12.87 -18.92
N GLU A 16 -5.35 13.93 -18.61
CA GLU A 16 -3.97 14.01 -19.02
C GLU A 16 -3.08 13.19 -18.13
N VAL A 17 -3.36 13.20 -16.83
CA VAL A 17 -2.58 12.38 -15.91
C VAL A 17 -2.68 10.92 -16.30
N ALA A 18 -3.87 10.48 -16.71
CA ALA A 18 -4.11 9.10 -17.04
C ALA A 18 -3.30 8.58 -18.19
N LYS A 19 -2.78 9.49 -19.00
CA LYS A 19 -1.96 9.05 -20.16
C LYS A 19 -0.57 8.65 -19.76
N ARG A 20 -0.11 9.01 -18.57
CA ARG A 20 1.24 8.61 -18.09
C ARG A 20 0.97 7.51 -17.12
N ASN A 21 0.87 6.31 -17.68
CA ASN A 21 0.30 5.19 -16.99
C ASN A 21 1.17 3.91 -17.02
N SER A 22 2.48 4.03 -17.16
CA SER A 22 3.27 2.83 -17.36
C SER A 22 4.69 3.05 -16.92
N LEU A 23 5.51 1.97 -17.02
CA LEU A 23 6.92 2.10 -16.62
C LEU A 23 7.62 3.17 -17.43
N LYS A 24 7.17 3.43 -18.64
CA LYS A 24 7.82 4.52 -19.39
C LYS A 24 7.70 5.87 -18.69
N GLU A 25 6.51 6.11 -18.13
CA GLU A 25 6.27 7.39 -17.45
C GLU A 25 4.97 7.15 -16.64
N LEU A 26 5.11 7.24 -15.32
CA LEU A 26 3.94 7.05 -14.44
C LEU A 26 3.73 8.30 -13.58
N TRP A 27 2.53 8.87 -13.66
CA TRP A 27 2.15 9.95 -12.80
C TRP A 27 1.08 9.42 -11.86
N LEU A 28 1.15 9.83 -10.62
CA LEU A 28 0.15 9.45 -9.63
C LEU A 28 -0.45 10.65 -8.98
N VAL A 29 -1.67 10.48 -8.55
CA VAL A 29 -2.41 11.57 -7.94
C VAL A 29 -2.57 11.26 -6.45
N ILE A 30 -1.95 12.08 -5.58
CA ILE A 30 -2.08 11.87 -4.13
C ILE A 30 -2.41 13.22 -3.51
N HIS A 31 -3.50 13.24 -2.78
CA HIS A 31 -4.02 14.43 -2.11
C HIS A 31 -4.05 15.65 -2.97
N GLY A 32 -4.62 15.48 -4.16
CA GLY A 32 -4.84 16.60 -5.03
C GLY A 32 -3.64 17.08 -5.80
N ARG A 33 -2.55 16.37 -5.67
CA ARG A 33 -1.28 16.77 -6.35
C ARG A 33 -0.81 15.67 -7.26
N VAL A 34 -0.06 16.03 -8.30
CA VAL A 34 0.39 15.10 -9.31
C VAL A 34 1.86 14.88 -9.11
N TYR A 35 2.30 13.61 -9.09
CA TYR A 35 3.68 13.20 -8.86
C TYR A 35 4.17 12.31 -10.02
N ASP A 36 5.29 12.69 -10.64
CA ASP A 36 5.83 11.89 -11.70
C ASP A 36 6.82 11.02 -10.97
N VAL A 37 6.45 9.76 -10.73
CA VAL A 37 7.25 8.88 -9.94
C VAL A 37 8.07 7.88 -10.78
N THR A 38 8.17 8.16 -12.07
CA THR A 38 8.90 7.22 -12.95
C THR A 38 10.26 6.82 -12.45
N ARG A 39 11.03 7.83 -12.00
CA ARG A 39 12.42 7.56 -11.58
C ARG A 39 12.50 6.72 -10.32
N PHE A 40 11.42 6.72 -9.54
CA PHE A 40 11.31 5.95 -8.30
C PHE A 40 10.75 4.56 -8.39
N LEU A 41 10.14 4.23 -9.55
CA LEU A 41 9.49 2.96 -9.69
C LEU A 41 10.30 1.78 -9.26
N ASN A 42 11.55 1.74 -9.68
CA ASN A 42 12.34 0.57 -9.37
C ASN A 42 13.05 0.70 -8.03
N GLU A 43 12.85 1.80 -7.32
CA GLU A 43 13.42 1.94 -5.97
C GLU A 43 12.33 1.81 -4.92
N HIS A 44 11.09 1.95 -5.32
CA HIS A 44 10.01 1.90 -4.35
C HIS A 44 9.99 0.63 -3.52
N PRO A 45 10.04 0.77 -2.17
CA PRO A 45 10.06 -0.48 -1.41
C PRO A 45 8.85 -1.40 -1.58
N GLY A 46 7.68 -0.78 -1.87
CA GLY A 46 6.50 -1.57 -2.10
C GLY A 46 6.43 -2.17 -3.49
N GLY A 47 7.44 -1.93 -4.33
CA GLY A 47 7.45 -2.48 -5.67
C GLY A 47 6.82 -1.58 -6.73
N GLU A 48 6.97 -1.98 -7.99
CA GLU A 48 6.42 -1.13 -9.07
C GLU A 48 4.90 -1.37 -9.23
N GLU A 49 4.43 -2.60 -9.06
CA GLU A 49 3.05 -2.89 -9.50
C GLU A 49 1.99 -2.16 -8.71
N VAL A 50 2.21 -1.98 -7.41
CA VAL A 50 1.25 -1.27 -6.58
C VAL A 50 1.17 0.19 -6.99
N LEU A 51 2.22 0.74 -7.58
CA LEU A 51 2.15 2.10 -8.12
C LEU A 51 1.47 2.10 -9.48
N LEU A 52 1.93 1.21 -10.35
CA LEU A 52 1.35 1.19 -11.70
C LEU A 52 -0.15 1.02 -11.72
N GLU A 53 -0.67 0.20 -10.85
CA GLU A 53 -2.11 -0.07 -10.89
C GLU A 53 -2.97 1.08 -10.45
N GLN A 54 -2.36 2.15 -9.92
CA GLN A 54 -3.15 3.30 -9.54
C GLN A 54 -3.08 4.42 -10.60
N ALA A 55 -2.54 4.10 -11.78
CA ALA A 55 -2.54 5.10 -12.82
C ALA A 55 -3.93 5.63 -13.13
N GLY A 56 -4.03 6.92 -13.41
CA GLY A 56 -5.29 7.52 -13.82
C GLY A 56 -6.43 7.67 -12.81
N VAL A 57 -6.16 7.31 -11.56
CA VAL A 57 -7.24 7.40 -10.57
C VAL A 57 -6.66 8.08 -9.33
N ASP A 58 -7.47 8.28 -8.32
CA ASP A 58 -6.93 8.89 -7.11
C ASP A 58 -6.22 7.81 -6.29
N ALA A 59 -4.94 7.99 -6.02
CA ALA A 59 -4.12 7.01 -5.31
C ALA A 59 -4.04 7.32 -3.84
N SER A 60 -4.77 8.33 -3.36
CA SER A 60 -4.60 8.78 -1.98
C SER A 60 -4.97 7.70 -0.98
N GLU A 61 -6.14 7.07 -1.14
CA GLU A 61 -6.55 6.02 -0.21
C GLU A 61 -5.50 4.91 -0.19
N SER A 62 -5.04 4.48 -1.38
CA SER A 62 -4.04 3.42 -1.43
C SER A 62 -2.79 3.80 -0.67
N PHE A 63 -2.32 5.03 -0.88
CA PHE A 63 -1.15 5.53 -0.23
C PHE A 63 -1.33 5.61 1.29
N GLU A 64 -2.49 6.09 1.73
CA GLU A 64 -2.67 6.26 3.16
C GLU A 64 -2.87 4.93 3.88
N ASP A 65 -3.51 3.96 3.22
CA ASP A 65 -3.77 2.67 3.87
C ASP A 65 -2.48 1.92 4.19
N VAL A 66 -1.44 2.15 3.42
CA VAL A 66 -0.16 1.47 3.66
C VAL A 66 0.52 1.92 4.94
N GLY A 67 0.23 3.14 5.41
CA GLY A 67 0.94 3.61 6.62
C GLY A 67 2.38 3.99 6.31
N HIS A 68 2.52 4.82 5.29
CA HIS A 68 3.84 5.30 4.87
C HIS A 68 4.44 6.17 5.97
N SER A 69 5.74 6.00 6.19
CA SER A 69 6.49 6.73 7.22
C SER A 69 6.63 8.22 6.89
N SER A 70 7.09 9.00 7.87
CA SER A 70 7.39 10.41 7.63
C SER A 70 8.44 10.53 6.58
N ASP A 71 9.41 9.63 6.60
CA ASP A 71 10.45 9.68 5.59
C ASP A 71 9.90 9.45 4.19
N ALA A 72 8.91 8.56 4.07
CA ALA A 72 8.28 8.33 2.77
C ALA A 72 7.53 9.56 2.30
N ARG A 73 6.84 10.24 3.22
CA ARG A 73 6.08 11.44 2.90
C ARG A 73 6.95 12.58 2.46
N GLU A 74 8.08 12.72 3.11
CA GLU A 74 9.05 13.72 2.71
C GLU A 74 9.61 13.41 1.32
N MET A 75 9.65 12.16 0.90
CA MET A 75 10.21 11.84 -0.41
C MET A 75 9.23 12.27 -1.53
N LEU A 76 7.96 12.34 -1.20
CA LEU A 76 6.94 12.81 -2.16
C LEU A 76 7.27 14.07 -2.88
N LYS A 77 7.69 15.11 -2.14
CA LYS A 77 7.96 16.40 -2.78
C LYS A 77 8.94 16.38 -3.90
N GLN A 78 9.93 15.48 -3.86
CA GLN A 78 10.87 15.54 -4.94
C GLN A 78 10.23 15.16 -6.26
N TYR A 79 9.06 14.50 -6.22
CA TYR A 79 8.45 14.03 -7.46
C TYR A 79 7.25 14.89 -7.90
N TYR A 80 6.92 15.91 -7.12
CA TYR A 80 5.85 16.85 -7.45
C TYR A 80 5.99 17.46 -8.83
N ILE A 81 4.93 17.43 -9.65
CA ILE A 81 4.94 18.20 -10.89
C ILE A 81 3.84 19.19 -11.09
N GLY A 82 2.79 19.10 -10.30
CA GLY A 82 1.70 20.05 -10.45
C GLY A 82 0.51 19.61 -9.61
N ASP A 83 -0.59 20.36 -9.72
CA ASP A 83 -1.80 20.09 -8.94
C ASP A 83 -2.88 19.58 -9.89
N ILE A 84 -3.79 18.76 -9.39
N ILE A 84 -3.81 18.79 -9.37
CA ILE A 84 -4.88 18.35 -10.22
CA ILE A 84 -4.97 18.38 -10.17
C ILE A 84 -5.72 19.63 -10.51
C ILE A 84 -5.91 19.57 -10.44
N HIS A 85 -6.31 19.70 -11.71
CA HIS A 85 -7.15 20.84 -12.11
C HIS A 85 -8.36 20.88 -11.17
N PRO A 86 -8.78 22.11 -10.74
CA PRO A 86 -9.94 22.21 -9.81
C PRO A 86 -11.20 21.57 -10.28
N SER A 87 -11.39 21.51 -11.62
CA SER A 87 -12.61 20.93 -12.16
C SER A 87 -12.71 19.40 -11.94
N ASP A 88 -11.58 18.78 -11.56
CA ASP A 88 -11.54 17.31 -11.30
C ASP A 88 -11.59 16.95 -9.85
N LEU A 89 -11.77 17.94 -8.98
CA LEU A 89 -11.81 17.68 -7.54
C LEU A 89 -13.20 17.62 -7.03
N LYS A 90 -13.41 16.95 -5.87
CA LYS A 90 -14.70 17.06 -5.18
C LYS A 90 -14.78 18.50 -4.68
N PRO A 91 -15.97 19.06 -4.64
CA PRO A 91 -16.12 20.45 -4.14
C PRO A 91 -15.80 20.49 -2.65
N LYS B 1 2.21 3.32 36.43
CA LYS B 1 1.80 4.60 37.10
C LYS B 1 2.46 5.75 36.37
N GLY B 2 3.46 5.40 35.56
CA GLY B 2 4.21 6.41 34.86
C GLY B 2 3.76 6.59 33.44
N GLN B 3 4.48 7.47 32.75
N GLN B 3 4.46 7.47 32.74
CA GLN B 3 4.27 7.76 31.35
CA GLN B 3 4.18 7.79 31.34
C GLN B 3 4.41 6.46 30.56
C GLN B 3 4.52 6.65 30.40
N GLU B 4 3.59 6.30 29.54
CA GLU B 4 3.81 5.21 28.63
C GLU B 4 3.61 5.70 27.25
N VAL B 5 4.32 5.09 26.33
CA VAL B 5 4.21 5.52 24.96
C VAL B 5 3.17 4.69 24.26
N GLU B 6 2.56 5.30 23.27
CA GLU B 6 1.59 4.53 22.49
C GLU B 6 1.92 4.46 21.04
N THR B 7 1.49 3.35 20.45
CA THR B 7 1.73 3.10 19.04
C THR B 7 0.45 3.39 18.32
N SER B 8 0.64 3.70 17.05
CA SER B 8 -0.38 4.03 16.09
C SER B 8 -1.19 2.79 15.69
N VAL B 9 -0.49 1.70 15.59
CA VAL B 9 -1.10 0.49 15.05
C VAL B 9 -1.05 -0.59 16.11
N THR B 10 -1.77 -1.67 15.85
CA THR B 10 -1.78 -2.80 16.70
C THR B 10 -0.63 -3.71 16.26
N TYR B 11 0.17 -4.18 17.19
CA TYR B 11 1.31 -5.06 16.85
C TYR B 11 1.06 -6.48 17.34
N TYR B 12 1.52 -7.47 16.56
CA TYR B 12 1.54 -8.87 16.97
C TYR B 12 2.95 -9.40 16.79
N ARG B 13 3.44 -10.08 17.81
CA ARG B 13 4.74 -10.74 17.72
C ARG B 13 4.64 -11.97 16.86
N LEU B 14 5.72 -12.29 16.18
CA LEU B 14 5.78 -13.46 15.33
C LEU B 14 5.46 -14.72 16.12
N GLU B 15 5.83 -14.79 17.39
CA GLU B 15 5.53 -15.96 18.20
C GLU B 15 4.02 -16.15 18.36
N GLU B 16 3.26 -15.05 18.43
CA GLU B 16 1.81 -15.12 18.57
C GLU B 16 1.23 -15.55 17.21
N VAL B 17 1.76 -14.99 16.14
CA VAL B 17 1.31 -15.34 14.79
C VAL B 17 1.50 -16.84 14.50
N ALA B 18 2.67 -17.38 14.84
CA ALA B 18 2.99 -18.79 14.57
C ALA B 18 2.05 -19.81 15.26
N LYS B 19 1.37 -19.39 16.36
CA LYS B 19 0.41 -20.29 17.01
C LYS B 19 -0.83 -20.46 16.15
N ARG B 20 -1.13 -19.53 15.23
CA ARG B 20 -2.35 -19.65 14.43
C ARG B 20 -1.90 -20.25 13.12
N ASN B 21 -1.77 -21.57 13.12
CA ASN B 21 -1.15 -22.30 12.03
C ASN B 21 -2.02 -23.43 11.51
N SER B 22 -3.34 -23.30 11.67
CA SER B 22 -4.25 -24.43 11.31
C SER B 22 -5.54 -23.95 10.71
N LEU B 23 -6.37 -24.89 10.22
CA LEU B 23 -7.73 -24.56 9.78
C LEU B 23 -8.54 -23.87 10.86
N LYS B 24 -8.28 -24.15 12.15
CA LYS B 24 -9.11 -23.50 13.18
C LYS B 24 -8.81 -22.02 13.25
N GLU B 25 -7.56 -21.68 12.93
CA GLU B 25 -7.14 -20.30 13.01
C GLU B 25 -5.76 -20.17 12.32
N LEU B 26 -5.79 -19.41 11.21
CA LEU B 26 -4.56 -19.20 10.42
C LEU B 26 -4.29 -17.74 10.23
N TRP B 27 -3.13 -17.30 10.66
CA TRP B 27 -2.66 -15.94 10.41
C TRP B 27 -1.45 -15.99 9.52
N LEU B 28 -1.33 -14.99 8.67
CA LEU B 28 -0.16 -14.90 7.74
C LEU B 28 0.49 -13.57 7.86
N VAL B 29 1.77 -13.48 7.51
CA VAL B 29 2.50 -12.19 7.54
C VAL B 29 2.88 -11.86 6.12
N ILE B 30 2.40 -10.74 5.60
CA ILE B 30 2.66 -10.33 4.23
C ILE B 30 3.00 -8.85 4.29
N HIS B 31 4.19 -8.51 3.75
CA HIS B 31 4.67 -7.13 3.74
C HIS B 31 4.55 -6.43 5.10
N GLY B 32 5.06 -7.11 6.10
CA GLY B 32 5.11 -6.55 7.43
C GLY B 32 3.83 -6.44 8.20
N ARG B 33 2.80 -7.04 7.64
CA ARG B 33 1.46 -6.93 8.25
C ARG B 33 0.90 -8.31 8.50
N VAL B 34 -0.01 -8.42 9.46
CA VAL B 34 -0.58 -9.67 9.86
C VAL B 34 -2.04 -9.73 9.42
N TYR B 35 -2.39 -10.84 8.85
CA TYR B 35 -3.71 -11.09 8.29
C TYR B 35 -4.32 -12.32 8.90
N ASP B 36 -5.56 -12.24 9.42
CA ASP B 36 -6.25 -13.40 9.89
C ASP B 36 -7.10 -13.89 8.71
N VAL B 37 -6.68 -14.99 8.10
CA VAL B 37 -7.30 -15.47 6.88
C VAL B 37 -8.12 -16.71 7.15
N THR B 38 -8.40 -17.01 8.40
CA THR B 38 -9.13 -18.25 8.75
C THR B 38 -10.41 -18.41 7.97
N ARG B 39 -11.21 -17.34 7.93
CA ARG B 39 -12.45 -17.43 7.21
C ARG B 39 -12.35 -17.42 5.71
N PHE B 40 -11.18 -17.08 5.17
CA PHE B 40 -10.95 -17.06 3.74
C PHE B 40 -10.33 -18.37 3.19
N LEU B 41 -9.79 -19.22 4.08
CA LEU B 41 -9.09 -20.44 3.63
C LEU B 41 -9.88 -21.26 2.61
N ASN B 42 -11.15 -21.45 2.94
CA ASN B 42 -12.09 -22.24 2.18
C ASN B 42 -12.37 -21.63 0.79
N GLU B 43 -12.28 -20.30 0.69
CA GLU B 43 -12.68 -19.60 -0.54
C GLU B 43 -11.45 -19.24 -1.37
N HIS B 44 -10.26 -19.30 -0.79
CA HIS B 44 -9.09 -18.83 -1.53
C HIS B 44 -8.95 -19.59 -2.86
N PRO B 45 -8.85 -18.86 -4.00
CA PRO B 45 -8.78 -19.55 -5.28
C PRO B 45 -7.55 -20.41 -5.48
N GLY B 46 -6.46 -20.09 -4.77
CA GLY B 46 -5.28 -20.94 -4.86
C GLY B 46 -5.28 -22.15 -3.95
N GLY B 47 -6.37 -22.33 -3.22
CA GLY B 47 -6.50 -23.45 -2.32
C GLY B 47 -6.05 -23.10 -0.90
N GLU B 48 -6.30 -24.06 -0.01
CA GLU B 48 -5.96 -23.86 1.40
C GLU B 48 -4.53 -24.18 1.70
N GLU B 49 -3.96 -25.18 1.03
CA GLU B 49 -2.64 -25.64 1.46
C GLU B 49 -1.53 -24.61 1.19
N VAL B 50 -1.61 -23.85 0.12
CA VAL B 50 -0.55 -22.87 -0.12
C VAL B 50 -0.59 -21.81 1.01
N LEU B 51 -1.74 -21.54 1.64
CA LEU B 51 -1.78 -20.60 2.73
C LEU B 51 -1.26 -21.23 4.01
N LEU B 52 -1.77 -22.43 4.29
CA LEU B 52 -1.33 -23.10 5.50
C LEU B 52 0.18 -23.33 5.55
N GLU B 53 0.79 -23.58 4.41
CA GLU B 53 2.24 -23.78 4.33
C GLU B 53 3.05 -22.56 4.69
N GLN B 54 2.43 -21.38 4.68
CA GLN B 54 3.19 -20.19 5.06
C GLN B 54 2.96 -19.75 6.51
N ALA B 55 2.38 -20.63 7.35
CA ALA B 55 2.24 -20.24 8.75
C ALA B 55 3.56 -20.00 9.42
N GLY B 56 3.58 -18.98 10.29
CA GLY B 56 4.71 -18.75 11.15
C GLY B 56 5.92 -18.12 10.52
N VAL B 57 5.87 -17.79 9.23
CA VAL B 57 7.03 -17.21 8.52
C VAL B 57 6.61 -16.05 7.65
N ASP B 58 7.57 -15.44 6.97
CA ASP B 58 7.21 -14.34 6.12
C ASP B 58 6.69 -14.87 4.80
N ALA B 59 5.44 -14.56 4.49
CA ALA B 59 4.77 -15.07 3.32
C ALA B 59 4.82 -14.11 2.12
N SER B 60 5.58 -13.01 2.26
CA SER B 60 5.61 -11.97 1.22
C SER B 60 6.09 -12.48 -0.11
N GLU B 61 7.19 -13.25 -0.12
CA GLU B 61 7.74 -13.64 -1.41
C GLU B 61 6.78 -14.60 -2.10
N SER B 62 6.20 -15.50 -1.33
N SER B 62 6.21 -15.49 -1.31
CA SER B 62 5.26 -16.46 -1.90
CA SER B 62 5.28 -16.48 -1.84
C SER B 62 4.04 -15.73 -2.48
C SER B 62 4.02 -15.79 -2.42
N PHE B 63 3.55 -14.73 -1.77
CA PHE B 63 2.38 -13.99 -2.24
C PHE B 63 2.75 -13.20 -3.50
N GLU B 64 3.93 -12.60 -3.51
CA GLU B 64 4.33 -11.79 -4.65
C GLU B 64 4.67 -12.65 -5.86
N ASP B 65 5.14 -13.87 -5.66
CA ASP B 65 5.51 -14.71 -6.82
C ASP B 65 4.29 -15.19 -7.64
N VAL B 66 3.13 -15.19 -7.02
CA VAL B 66 1.89 -15.65 -7.65
C VAL B 66 1.41 -14.62 -8.64
N GLY B 67 1.67 -13.35 -8.39
CA GLY B 67 1.18 -12.33 -9.30
C GLY B 67 -0.31 -12.11 -9.10
N HIS B 68 -0.67 -11.88 -7.85
CA HIS B 68 -2.05 -11.63 -7.47
C HIS B 68 -2.61 -10.36 -8.17
N SER B 69 -3.87 -10.40 -8.51
CA SER B 69 -4.54 -9.29 -9.20
C SER B 69 -4.71 -8.08 -8.32
N SER B 70 -5.10 -6.94 -8.90
CA SER B 70 -5.42 -5.79 -8.04
C SER B 70 -6.56 -6.09 -7.11
N ASP B 71 -7.56 -6.83 -7.59
CA ASP B 71 -8.73 -7.22 -6.80
C ASP B 71 -8.23 -8.05 -5.61
N ALA B 72 -7.34 -9.00 -5.86
CA ALA B 72 -6.84 -9.86 -4.74
C ALA B 72 -6.14 -8.96 -3.69
N ARG B 73 -5.36 -7.98 -4.13
CA ARG B 73 -4.66 -7.08 -3.18
C ARG B 73 -5.64 -6.20 -2.38
N GLU B 74 -6.72 -5.78 -3.00
CA GLU B 74 -7.68 -5.01 -2.27
C GLU B 74 -8.37 -5.87 -1.24
N MET B 75 -8.64 -7.11 -1.64
CA MET B 75 -9.30 -8.10 -0.80
C MET B 75 -8.43 -8.41 0.43
N LEU B 76 -7.12 -8.40 0.26
CA LEU B 76 -6.18 -8.66 1.37
C LEU B 76 -6.47 -7.71 2.54
N LYS B 77 -6.78 -6.45 2.24
CA LYS B 77 -7.12 -5.47 3.28
C LYS B 77 -8.25 -5.93 4.20
N GLN B 78 -9.21 -6.72 3.72
CA GLN B 78 -10.29 -7.16 4.60
C GLN B 78 -9.82 -8.07 5.71
N TYR B 79 -8.67 -8.69 5.51
CA TYR B 79 -8.15 -9.64 6.51
C TYR B 79 -7.08 -9.08 7.42
N TYR B 80 -6.76 -7.83 7.22
CA TYR B 80 -5.73 -7.17 8.03
C TYR B 80 -6.13 -7.12 9.48
N ILE B 81 -5.19 -7.46 10.37
CA ILE B 81 -5.47 -7.32 11.81
C ILE B 81 -4.41 -6.54 12.53
N GLY B 82 -3.27 -6.26 11.93
CA GLY B 82 -2.24 -5.55 12.69
C GLY B 82 -0.94 -5.60 11.96
N ASP B 83 0.05 -4.91 12.51
CA ASP B 83 1.39 -4.93 11.93
C ASP B 83 2.25 -5.86 12.75
N ILE B 84 3.26 -6.40 12.11
CA ILE B 84 4.18 -7.26 12.84
C ILE B 84 4.95 -6.38 13.86
N HIS B 85 5.26 -6.98 14.98
CA HIS B 85 5.96 -6.24 16.05
C HIS B 85 7.29 -5.73 15.45
N PRO B 86 7.73 -4.50 15.78
CA PRO B 86 8.97 -4.01 15.19
C PRO B 86 10.18 -4.84 15.52
N SER B 87 10.12 -5.53 16.64
CA SER B 87 11.29 -6.32 17.04
C SER B 87 11.44 -7.58 16.15
N ASP B 88 10.43 -7.93 15.35
CA ASP B 88 10.53 -9.07 14.47
C ASP B 88 10.90 -8.76 13.06
N LEU B 89 11.26 -7.51 12.78
CA LEU B 89 11.68 -7.13 11.42
C LEU B 89 13.18 -7.33 11.19
N LYS B 90 13.53 -7.77 9.99
CA LYS B 90 14.95 -7.90 9.64
C LYS B 90 15.59 -6.54 9.56
N PRO B 91 16.93 -6.48 9.76
CA PRO B 91 17.60 -5.18 9.63
C PRO B 91 17.35 -4.68 8.22
CHA HEM C . 6.57 1.38 1.27
CHA HEM C . 6.69 0.99 1.33
CHB HEM C . 7.56 5.73 -0.59
CHB HEM C . 2.59 0.68 -1.20
CHC HEM C . 3.51 5.62 -3.19
CHC HEM C . 3.38 4.99 -3.18
CHD HEM C . 2.56 1.24 -1.41
CHD HEM C . 7.54 5.34 -0.71
C1A HEM C . 7.18 2.61 1.02
C1A HEM C . 5.53 0.52 0.78
C2A HEM C . 8.35 3.07 1.63
C2A HEM C . 4.95 -0.70 1.11
C3A HEM C . 8.67 4.28 1.07
C3A HEM C . 3.79 -0.81 0.39
C4A HEM C . 7.64 4.58 0.15
C4A HEM C . 3.66 0.37 -0.40
CMA HEM C . 9.80 5.08 1.37
CMA HEM C . 2.87 -1.88 0.43
CAA HEM C . 9.14 2.36 2.74
CAA HEM C . 5.52 -1.71 2.11
CBA HEM C . 8.39 2.30 4.09
CBA HEM C . 6.30 -2.82 1.40
CGA HEM C . 8.06 3.64 4.68
CGA HEM C . 6.91 -3.75 2.41
O1A HEM C . 6.86 3.91 5.01
O1A HEM C . 6.87 -4.96 2.17
O2A HEM C . 8.97 4.50 4.71
O2A HEM C . 7.47 -3.25 3.44
C1B HEM C . 6.55 6.04 -1.46
C1B HEM C . 2.45 1.85 -1.90
C2B HEM C . 6.52 7.25 -2.21
C2B HEM C . 1.30 2.15 -2.68
C3B HEM C . 5.43 7.29 -3.02
C3B HEM C . 1.46 3.38 -3.26
C4B HEM C . 4.72 6.01 -2.69
C4B HEM C . 2.77 3.81 -2.81
CMB HEM C . 7.63 8.30 -2.10
CMB HEM C . 0.10 1.24 -2.80
CAB HEM C . 5.10 8.41 -3.97
CAB HEM C . 0.45 4.03 -4.14
CBB HEM C . 3.95 8.16 -4.94
CBB HEM C . 0.12 5.47 -3.80
C1C HEM C . 2.87 4.44 -2.85
C1C HEM C . 4.60 5.43 -2.76
C2C HEM C . 1.60 4.03 -3.37
C2C HEM C . 5.20 6.70 -3.14
C3C HEM C . 1.31 2.79 -2.90
C3C HEM C . 6.37 6.86 -2.39
C4C HEM C . 2.43 2.44 -2.10
C4C HEM C . 6.48 5.63 -1.60
CMC HEM C . 0.74 4.88 -4.24
CMC HEM C . 4.60 7.68 -4.15
CAC HEM C . 0.05 1.96 -3.04
CAC HEM C . 7.35 8.05 -2.34
CBC HEM C . -0.79 1.90 -4.08
CBC HEM C . 7.67 8.93 -3.30
C1D HEM C . 3.61 0.89 -0.56
C1D HEM C . 7.66 4.18 0.07
C2D HEM C . 3.71 -0.39 0.13
C2D HEM C . 8.76 3.91 0.99
C3D HEM C . 4.83 -0.37 0.93
C3D HEM C . 8.48 2.72 1.61
C4D HEM C . 5.43 0.96 0.67
C4D HEM C . 7.27 2.22 1.01
CMD HEM C . 2.73 -1.58 0.02
CMD HEM C . 10.00 4.80 1.28
CAD HEM C . 5.36 -1.49 1.87
CAD HEM C . 9.30 2.08 2.73
CBD HEM C . 6.48 -2.34 1.25
CBD HEM C . 8.51 2.12 4.07
CGD HEM C . 6.89 -3.56 2.07
CGD HEM C . 8.15 3.51 4.59
O1D HEM C . 6.96 -4.64 1.45
O1D HEM C . 6.97 3.73 5.00
O2D HEM C . 7.58 -3.33 3.10
O2D HEM C . 9.06 4.37 4.64
NA HEM C . 6.70 3.56 0.11
NA HEM C . 4.74 1.21 -0.17
NB HEM C . 5.45 5.26 -1.75
NB HEM C . 3.37 2.88 -1.94
NC HEM C . 3.39 3.47 -2.05
NC HEM C . 5.38 4.76 -1.82
ND HEM C . 4.67 1.73 -0.27
ND HEM C . 6.75 3.13 0.06
FE HEM C . 5.03 3.54 -0.97
FE HEM C . 5.08 2.95 -0.98
MG MG D . 0.29 -26.98 8.70
CHA HEM E . -5.01 -16.85 -6.39
CHA HEM E . -5.27 -16.97 -6.49
CHB HEM E . -6.27 -13.75 -2.89
CHB HEM E . -1.41 -18.35 -3.86
CHC HEM E . -2.53 -15.04 -0.18
CHC HEM E . -2.64 -15.44 -0.27
CHD HEM E . -1.23 -18.21 -3.62
CHD HEM E . -6.49 -14.02 -2.79
C1A HEM E . -5.65 -15.86 -5.68
C1A HEM E . -4.12 -17.66 -6.07
C2A HEM E . -6.74 -15.16 -6.14
C2A HEM E . -3.48 -18.68 -6.78
C3A HEM E . -7.15 -14.30 -5.13
C3A HEM E . -2.40 -19.09 -6.01
C4A HEM E . -6.23 -14.45 -4.07
C4A HEM E . -2.38 -18.30 -4.83
CMA HEM E . -8.26 -13.43 -5.16
CMA HEM E . -1.43 -20.09 -6.33
CAA HEM E . -7.37 -15.34 -7.55
CAA HEM E . -3.93 -19.25 -8.17
CBA HEM E . -6.50 -14.69 -8.67
CBA HEM E . -2.86 -19.58 -9.25
CGA HEM E . -6.32 -13.22 -8.46
CGA HEM E . -2.55 -18.45 -10.17
O1A HEM E . -5.13 -12.79 -8.39
O1A HEM E . -1.37 -18.02 -10.18
O2A HEM E . -7.35 -12.54 -8.32
O2A HEM E . -3.31 -18.32 -11.16
C1B HEM E . -5.39 -13.88 -1.88
C1B HEM E . -1.40 -17.62 -2.72
C2B HEM E . -5.49 -13.12 -0.66
C2B HEM E . -0.33 -17.68 -1.78
C3B HEM E . -4.46 -13.48 0.15
C3B HEM E . -0.60 -16.84 -0.75
C4B HEM E . -3.71 -14.48 -0.61
C4B HEM E . -1.91 -16.27 -1.08
CMB HEM E . -6.61 -12.09 -0.41
CMB HEM E . 0.93 -18.54 -1.98
CAB HEM E . -4.13 -12.93 1.49
CAB HEM E . 0.30 -16.61 0.42
CBB HEM E . -5.24 -12.97 2.52
CBB HEM E . 0.41 -17.74 1.40
C1C HEM E . -1.80 -15.94 -0.91
C1C HEM E . -3.86 -14.91 -0.59
C2C HEM E . -0.58 -16.57 -0.47
C2C HEM E . -4.61 -13.99 0.23
C3C HEM E . -0.19 -17.47 -1.42
C3C HEM E . -5.66 -13.50 -0.50
C4C HEM E . -1.21 -17.42 -2.45
C4C HEM E . -5.59 -14.19 -1.76
CMC HEM E . 0.19 -16.25 0.80
CMC HEM E . -4.26 -13.59 1.68
CAC HEM E . 1.12 -18.29 -1.46
CAC HEM E . -6.70 -12.46 -0.12
CBC HEM E . 1.62 -19.10 -0.53
CBC HEM E . -7.42 -12.44 0.99
C1D HEM E . -2.19 -18.15 -4.66
C1D HEM E . -6.46 -14.70 -4.03
C2D HEM E . -2.18 -19.01 -5.85
C2D HEM E . -7.46 -14.49 -5.09
C3D HEM E . -3.27 -18.65 -6.62
C3D HEM E . -7.12 -15.27 -6.14
C4D HEM E . -3.90 -17.53 -5.92
C4D HEM E . -5.92 -16.02 -5.71
CMD HEM E . -1.19 -20.13 -6.16
CMD HEM E . -8.67 -13.52 -5.03
CAD HEM E . -3.74 -19.31 -7.96
CAD HEM E . -7.84 -15.34 -7.50
CBD HEM E . -2.81 -19.12 -9.15
CBD HEM E . -7.01 -14.69 -8.64
CGD HEM E . -2.95 -17.79 -9.81
CGD HEM E . -6.61 -13.24 -8.40
O1D HEM E . -3.91 -17.62 -10.64
O1D HEM E . -7.52 -12.38 -8.32
O2D HEM E . -1.94 -17.11 -9.81
O2D HEM E . -5.39 -12.98 -8.51
NA HEM E . -5.29 -15.40 -4.40
NA HEM E . -3.47 -17.44 -4.83
NB HEM E . -4.32 -14.71 -1.86
NB HEM E . -2.37 -16.74 -2.32
NC HEM E . -2.20 -16.45 -2.14
NC HEM E . -4.50 -15.07 -1.83
ND HEM E . -3.26 -17.25 -4.68
ND HEM E . -5.51 -15.64 -4.39
FE HEM E . -3.75 -15.93 -3.30
FE HEM E . -3.99 -16.27 -3.34
S SO4 F . -5.43 -1.93 5.30
O1 SO4 F . -4.67 -1.26 4.18
O2 SO4 F . -6.87 -1.51 5.23
O3 SO4 F . -4.87 -1.46 6.62
O4 SO4 F . -5.22 -3.39 5.26
#